data_9HCU
#
_entry.id   9HCU
#
_cell.length_a   52.034
_cell.length_b   52.034
_cell.length_c   146.941
_cell.angle_alpha   90.00
_cell.angle_beta   90.00
_cell.angle_gamma   90.00
#
_symmetry.space_group_name_H-M   'P 41 21 2'
#
loop_
_entity.id
_entity.type
_entity.pdbx_description
1 polymer 'Telomeric repeat-binding factor 1'
2 non-polymer N-(4-fluorophenyl)-2-(piperazin-1-yl)acetamide
3 non-polymer 1,2-ETHANEDIOL
4 non-polymer 'CALCIUM ION'
5 water water
#
_entity_poly.entity_id   1
_entity_poly.type   'polypeptide(L)'
_entity_poly.pdbx_seq_one_letter_code
;SNAQVQVGAPEEEEEEEEDAGLVAEAEAVAAGWMLDFLCLSLCRAFRDGRSEDFRRTRNSAEAIIHGLSSLTACQLRTIY
ICQFLTRIAAGKTLDAQFENDERITPLESALMIWGSIEKEHDKLHEEIQNLIKIQAIAVCMENGNFKEAEEVFERIFGDP
NSHMPFKSKLLMIISQKDTFHSFFQHFSYNHMMEKIKSYVNYVLSEKSSTFLMKAAAKVVESKR
;
_entity_poly.pdbx_strand_id   A
#
loop_
_chem_comp.id
_chem_comp.type
_chem_comp.name
_chem_comp.formula
CA non-polymer 'CALCIUM ION' 'Ca 2'
EDO non-polymer 1,2-ETHANEDIOL 'C2 H6 O2'
ZU7 non-polymer N-(4-fluorophenyl)-2-(piperazin-1-yl)acetamide 'C12 H16 F N3 O'
#
# COMPACT_ATOMS: atom_id res chain seq x y z
N GLU A 16 23.45 12.27 34.17
CA GLU A 16 24.05 12.52 32.86
C GLU A 16 23.83 11.33 31.93
N GLU A 17 24.04 10.10 32.44
CA GLU A 17 23.83 8.90 31.65
C GLU A 17 22.33 8.55 31.63
N GLU A 18 21.64 8.72 32.78
CA GLU A 18 20.20 8.47 32.91
C GLU A 18 19.40 9.50 32.12
N ASP A 19 19.89 10.76 32.01
CA ASP A 19 19.25 11.82 31.27
C ASP A 19 19.26 11.47 29.78
N ALA A 20 20.39 10.94 29.27
CA ALA A 20 20.55 10.52 27.88
C ALA A 20 19.61 9.39 27.51
N GLY A 21 19.35 8.48 28.47
CA GLY A 21 18.42 7.37 28.29
C GLY A 21 16.99 7.87 28.18
N LEU A 22 16.63 8.81 29.06
CA LEU A 22 15.31 9.44 29.06
C LEU A 22 15.09 10.26 27.77
N VAL A 23 16.15 10.91 27.24
CA VAL A 23 16.08 11.67 26.00
C VAL A 23 15.87 10.72 24.83
N ALA A 24 16.62 9.63 24.77
CA ALA A 24 16.46 8.62 23.72
C ALA A 24 15.08 7.99 23.75
N GLU A 25 14.51 7.78 24.95
CA GLU A 25 13.16 7.23 25.06
C GLU A 25 12.15 8.25 24.54
N ALA A 26 12.32 9.53 24.88
CA ALA A 26 11.46 10.61 24.41
C ALA A 26 11.49 10.73 22.87
N GLU A 27 12.68 10.56 22.27
CA GLU A 27 12.82 10.57 20.82
C GLU A 27 12.08 9.40 20.20
N ALA A 28 12.07 8.22 20.87
CA ALA A 28 11.32 7.07 20.32
C ALA A 28 9.80 7.35 20.37
N VAL A 29 9.32 8.04 21.44
CA VAL A 29 7.90 8.41 21.58
C VAL A 29 7.48 9.37 20.46
N ALA A 30 8.28 10.42 20.22
CA ALA A 30 8.01 11.41 19.19
C ALA A 30 8.08 10.78 17.79
N ALA A 31 9.04 9.86 17.55
CA ALA A 31 9.15 9.16 16.26
C ALA A 31 7.96 8.28 15.98
N GLY A 32 7.38 7.69 17.03
CA GLY A 32 6.17 6.90 16.93
C GLY A 32 4.98 7.77 16.55
N TRP A 33 4.87 8.95 17.16
CA TRP A 33 3.82 9.91 16.85
C TRP A 33 3.95 10.43 15.41
N MET A 34 5.21 10.56 14.93
CA MET A 34 5.51 11.02 13.58
C MET A 34 5.08 9.98 12.53
N LEU A 35 5.33 8.69 12.81
CA LEU A 35 4.95 7.57 11.95
C LEU A 35 3.43 7.56 11.71
N ASP A 36 2.63 7.63 12.77
CA ASP A 36 1.17 7.66 12.65
C ASP A 36 0.70 8.85 11.85
N PHE A 37 1.30 10.04 12.12
CA PHE A 37 0.94 11.26 11.40
C PHE A 37 1.23 11.08 9.89
N LEU A 38 2.41 10.60 9.54
CA LEU A 38 2.79 10.43 8.14
C LEU A 38 1.95 9.35 7.43
N CYS A 39 1.55 8.30 8.15
CA CYS A 39 0.66 7.27 7.57
C CYS A 39 -0.70 7.90 7.23
N LEU A 40 -1.27 8.68 8.17
CA LEU A 40 -2.53 9.37 7.91
C LEU A 40 -2.44 10.32 6.70
N SER A 41 -1.32 11.09 6.57
CA SER A 41 -1.16 12.01 5.46
CA SER A 41 -1.15 12.02 5.47
C SER A 41 -0.94 11.27 4.14
N LEU A 42 -0.27 10.13 4.18
CA LEU A 42 -0.04 9.29 3.00
C LEU A 42 -1.38 8.69 2.53
N CYS A 43 -2.20 8.21 3.48
CA CYS A 43 -3.51 7.65 3.18
C CYS A 43 -4.43 8.70 2.52
N ARG A 44 -4.47 9.90 3.09
CA ARG A 44 -5.28 10.99 2.55
C ARG A 44 -4.80 11.39 1.15
N ALA A 45 -3.49 11.45 0.91
CA ALA A 45 -2.96 11.82 -0.42
C ALA A 45 -3.35 10.75 -1.44
N PHE A 46 -3.25 9.47 -1.04
CA PHE A 46 -3.63 8.35 -1.90
C PHE A 46 -5.11 8.45 -2.25
N ARG A 47 -5.98 8.65 -1.24
CA ARG A 47 -7.42 8.74 -1.46
C ARG A 47 -7.79 9.94 -2.39
N ASP A 48 -7.12 11.07 -2.19
CA ASP A 48 -7.37 12.26 -3.00
C ASP A 48 -6.69 12.27 -4.37
N GLY A 49 -5.80 11.33 -4.63
CA GLY A 49 -5.05 11.30 -5.88
C GLY A 49 -4.03 12.43 -5.98
N ARG A 50 -3.50 12.90 -4.83
CA ARG A 50 -2.48 13.97 -4.82
C ARG A 50 -1.11 13.29 -4.93
N SER A 51 -0.71 12.98 -6.17
CA SER A 51 0.51 12.25 -6.51
CA SER A 51 0.51 12.23 -6.49
C SER A 51 1.82 12.82 -5.92
N GLU A 52 2.02 14.12 -6.07
CA GLU A 52 3.24 14.76 -5.59
C GLU A 52 3.29 14.83 -4.06
N ASP A 53 2.16 15.10 -3.39
CA ASP A 53 2.11 15.07 -1.93
C ASP A 53 2.38 13.64 -1.43
N PHE A 54 1.86 12.62 -2.14
CA PHE A 54 2.07 11.23 -1.74
C PHE A 54 3.57 10.91 -1.85
N ARG A 55 4.20 11.31 -2.99
CA ARG A 55 5.64 11.10 -3.18
C ARG A 55 6.45 11.76 -2.05
N ARG A 56 6.19 13.04 -1.73
CA ARG A 56 6.95 13.74 -0.69
C ARG A 56 6.70 13.15 0.73
N THR A 57 5.46 12.79 1.03
CA THR A 57 5.11 12.17 2.32
C THR A 57 5.73 10.79 2.48
N ARG A 58 5.83 10.03 1.38
CA ARG A 58 6.43 8.69 1.35
C ARG A 58 7.91 8.77 1.72
N ASN A 59 8.60 9.79 1.17
CA ASN A 59 10.02 10.06 1.45
C ASN A 59 10.18 10.35 2.94
N SER A 60 9.28 11.14 3.52
CA SER A 60 9.30 11.48 4.94
C SER A 60 9.07 10.23 5.82
N ALA A 61 8.04 9.41 5.49
CA ALA A 61 7.73 8.18 6.21
C ALA A 61 8.92 7.21 6.17
N GLU A 62 9.52 7.01 5.00
CA GLU A 62 10.66 6.11 4.86
C GLU A 62 11.87 6.53 5.73
N ALA A 63 12.18 7.83 5.79
CA ALA A 63 13.27 8.33 6.59
C ALA A 63 12.99 8.17 8.10
N ILE A 64 11.76 8.45 8.57
CA ILE A 64 11.40 8.29 9.97
C ILE A 64 11.47 6.80 10.36
N ILE A 65 11.06 5.88 9.45
CA ILE A 65 11.09 4.45 9.73
C ILE A 65 12.55 3.96 9.93
N HIS A 66 13.52 4.57 9.21
CA HIS A 66 14.94 4.22 9.41
C HIS A 66 15.50 4.66 10.77
N GLY A 67 14.87 5.63 11.40
CA GLY A 67 15.29 6.11 12.72
C GLY A 67 14.58 5.43 13.87
N LEU A 68 13.84 4.34 13.61
CA LEU A 68 13.13 3.57 14.63
C LEU A 68 13.71 2.18 14.71
N SER A 69 13.84 1.62 15.91
CA SER A 69 14.32 0.25 16.06
C SER A 69 13.17 -0.68 16.51
N SER A 70 12.91 -0.78 17.83
CA SER A 70 11.82 -1.57 18.41
C SER A 70 10.47 -1.10 17.90
N LEU A 71 9.64 -2.03 17.44
CA LEU A 71 8.33 -1.70 16.91
C LEU A 71 7.28 -2.50 17.61
N THR A 72 6.19 -1.83 17.98
CA THR A 72 5.03 -2.52 18.52
C THR A 72 4.28 -3.16 17.34
N ALA A 73 3.34 -4.08 17.61
CA ALA A 73 2.55 -4.72 16.56
C ALA A 73 1.75 -3.66 15.76
N CYS A 74 1.21 -2.67 16.46
CA CYS A 74 0.49 -1.56 15.84
C CYS A 74 1.40 -0.80 14.86
N GLN A 75 2.65 -0.51 15.25
CA GLN A 75 3.63 0.19 14.40
C GLN A 75 4.03 -0.62 13.16
N LEU A 76 4.12 -1.96 13.29
CA LEU A 76 4.41 -2.84 12.18
C LEU A 76 3.25 -2.78 11.17
N ARG A 77 2.01 -2.81 11.68
CA ARG A 77 0.81 -2.71 10.84
C ARG A 77 0.81 -1.35 10.09
N THR A 78 1.09 -0.25 10.78
CA THR A 78 1.18 1.09 10.18
C THR A 78 2.23 1.13 9.08
N ILE A 79 3.42 0.55 9.35
CA ILE A 79 4.48 0.50 8.36
C ILE A 79 4.02 -0.32 7.13
N TYR A 80 3.44 -1.49 7.34
CA TYR A 80 2.93 -2.33 6.26
C TYR A 80 1.94 -1.60 5.39
N ILE A 81 1.06 -0.79 5.98
CA ILE A 81 0.07 -0.02 5.23
C ILE A 81 0.79 0.98 4.35
N CYS A 82 1.81 1.68 4.90
CA CYS A 82 2.59 2.65 4.10
C CYS A 82 3.27 1.94 2.92
N GLN A 83 3.89 0.79 3.18
CA GLN A 83 4.59 0.02 2.16
C GLN A 83 3.62 -0.49 1.08
N PHE A 84 2.42 -0.93 1.52
CA PHE A 84 1.37 -1.44 0.62
C PHE A 84 0.91 -0.35 -0.34
N LEU A 85 0.59 0.83 0.20
CA LEU A 85 0.14 1.92 -0.68
C LEU A 85 1.23 2.36 -1.66
N THR A 86 2.48 2.33 -1.22
CA THR A 86 3.64 2.70 -2.05
C THR A 86 3.73 1.82 -3.30
N ARG A 87 3.49 0.51 -3.14
CA ARG A 87 3.56 -0.46 -4.20
C ARG A 87 2.38 -0.36 -5.14
N ILE A 88 1.16 -0.14 -4.58
CA ILE A 88 -0.05 0.08 -5.37
C ILE A 88 0.13 1.32 -6.23
N ALA A 89 0.61 2.44 -5.65
CA ALA A 89 0.89 3.66 -6.46
C ALA A 89 1.86 3.38 -7.62
N ALA A 90 2.86 2.52 -7.39
CA ALA A 90 3.84 2.13 -8.43
C ALA A 90 3.47 0.85 -9.18
N GLY A 91 2.24 0.37 -9.07
CA GLY A 91 1.80 -0.88 -9.70
C GLY A 91 2.04 -1.01 -11.20
N LYS A 92 1.96 0.09 -11.94
CA LYS A 92 2.23 0.05 -13.38
C LYS A 92 3.71 0.39 -13.74
N THR A 93 4.57 0.56 -12.72
CA THR A 93 5.99 0.88 -12.92
C THR A 93 6.77 -0.42 -12.83
N LEU A 94 6.79 -1.20 -13.94
CA LEU A 94 7.47 -2.49 -13.97
C LEU A 94 9.01 -2.43 -13.86
N ASP A 95 9.59 -1.22 -13.84
CA ASP A 95 11.02 -1.01 -13.65
C ASP A 95 11.38 -0.84 -12.15
N ALA A 96 10.38 -0.81 -11.25
CA ALA A 96 10.62 -0.63 -9.81
C ALA A 96 10.86 -1.97 -9.10
N GLN A 97 11.97 -2.06 -8.38
CA GLN A 97 12.32 -3.27 -7.65
C GLN A 97 12.01 -3.07 -6.18
N PHE A 98 10.91 -3.66 -5.69
CA PHE A 98 10.53 -3.50 -4.28
C PHE A 98 11.02 -4.62 -3.36
N GLU A 99 11.61 -5.69 -3.92
CA GLU A 99 12.09 -6.82 -3.14
C GLU A 99 13.55 -7.14 -3.50
N ASN A 100 14.25 -7.92 -2.65
CA ASN A 100 15.63 -8.33 -2.96
C ASN A 100 15.62 -9.21 -4.23
N ASP A 101 14.59 -10.06 -4.39
CA ASP A 101 14.44 -10.87 -5.60
C ASP A 101 13.95 -9.90 -6.68
N GLU A 102 14.78 -9.65 -7.69
CA GLU A 102 14.50 -8.70 -8.77
C GLU A 102 13.36 -9.09 -9.70
N ARG A 103 12.86 -10.32 -9.61
CA ARG A 103 11.77 -10.78 -10.47
C ARG A 103 10.39 -10.32 -9.98
N ILE A 104 10.26 -9.99 -8.68
CA ILE A 104 8.98 -9.64 -8.07
C ILE A 104 8.49 -8.27 -8.51
N THR A 105 7.35 -8.26 -9.20
CA THR A 105 6.76 -7.00 -9.65
C THR A 105 6.08 -6.25 -8.48
N PRO A 106 5.91 -4.92 -8.62
CA PRO A 106 5.25 -4.14 -7.57
C PRO A 106 3.91 -4.66 -7.05
N LEU A 107 2.97 -5.08 -7.92
CA LEU A 107 1.69 -5.64 -7.45
C LEU A 107 1.88 -7.01 -6.75
N GLU A 108 2.88 -7.80 -7.13
CA GLU A 108 3.16 -9.07 -6.41
C GLU A 108 3.70 -8.73 -4.98
N SER A 109 4.50 -7.66 -4.88
CA SER A 109 5.04 -7.22 -3.62
C SER A 109 3.88 -6.69 -2.75
N ALA A 110 2.94 -5.92 -3.35
CA ALA A 110 1.76 -5.41 -2.64
C ALA A 110 0.92 -6.61 -2.13
N LEU A 111 0.74 -7.65 -2.98
CA LEU A 111 0.02 -8.87 -2.61
C LEU A 111 0.62 -9.56 -1.37
N MET A 112 1.98 -9.67 -1.31
CA MET A 112 2.73 -10.27 -0.21
C MET A 112 2.47 -9.53 1.11
N ILE A 113 2.55 -8.20 1.11
CA ILE A 113 2.27 -7.39 2.29
C ILE A 113 0.80 -7.51 2.69
N TRP A 114 -0.12 -7.48 1.72
CA TRP A 114 -1.56 -7.59 2.01
C TRP A 114 -1.93 -8.87 2.82
N GLY A 115 -1.29 -9.98 2.51
CA GLY A 115 -1.49 -11.24 3.23
C GLY A 115 -0.68 -11.35 4.53
N SER A 116 0.11 -10.31 4.87
CA SER A 116 0.94 -10.26 6.09
C SER A 116 0.36 -9.33 7.16
N ILE A 117 -0.46 -8.35 6.77
CA ILE A 117 -1.06 -7.42 7.71
C ILE A 117 -1.99 -8.15 8.68
N GLU A 118 -1.87 -7.81 9.98
CA GLU A 118 -2.74 -8.39 11.00
C GLU A 118 -4.01 -7.58 10.94
N LYS A 119 -4.95 -7.99 10.09
CA LYS A 119 -6.22 -7.31 9.87
C LYS A 119 -7.31 -8.37 9.64
N GLU A 120 -8.59 -7.97 9.71
CA GLU A 120 -9.69 -8.91 9.48
C GLU A 120 -9.74 -9.32 8.01
N HIS A 121 -10.08 -10.57 7.75
CA HIS A 121 -10.21 -11.04 6.38
C HIS A 121 -11.70 -11.02 6.04
N ASP A 122 -12.23 -9.80 5.86
CA ASP A 122 -13.64 -9.63 5.52
C ASP A 122 -13.81 -9.75 3.97
N LYS A 123 -15.04 -9.59 3.43
CA LYS A 123 -15.30 -9.69 1.99
C LYS A 123 -14.41 -8.70 1.21
N LEU A 124 -14.28 -7.46 1.71
CA LEU A 124 -13.44 -6.44 1.10
C LEU A 124 -11.96 -6.86 1.02
N HIS A 125 -11.42 -7.50 2.06
CA HIS A 125 -10.04 -8.01 2.01
C HIS A 125 -9.80 -8.95 0.81
N GLU A 126 -10.71 -9.92 0.61
CA GLU A 126 -10.56 -10.93 -0.45
C GLU A 126 -10.78 -10.35 -1.83
N GLU A 127 -11.69 -9.39 -1.96
CA GLU A 127 -11.93 -8.71 -3.22
C GLU A 127 -10.67 -7.92 -3.65
N ILE A 128 -10.04 -7.22 -2.71
CA ILE A 128 -8.81 -6.46 -2.99
C ILE A 128 -7.68 -7.46 -3.37
N GLN A 129 -7.57 -8.54 -2.62
CA GLN A 129 -6.60 -9.59 -2.90
C GLN A 129 -6.76 -10.13 -4.34
N ASN A 130 -7.96 -10.50 -4.75
CA ASN A 130 -8.21 -11.04 -6.10
C ASN A 130 -8.01 -10.02 -7.19
N LEU A 131 -8.36 -8.77 -6.92
CA LEU A 131 -8.13 -7.69 -7.89
C LEU A 131 -6.62 -7.46 -8.09
N ILE A 132 -5.82 -7.47 -7.03
CA ILE A 132 -4.36 -7.31 -7.15
C ILE A 132 -3.77 -8.47 -7.99
N LYS A 133 -4.25 -9.71 -7.76
CA LYS A 133 -3.79 -10.87 -8.49
C LYS A 133 -4.05 -10.74 -10.00
N ILE A 134 -5.26 -10.35 -10.37
CA ILE A 134 -5.66 -10.18 -11.76
C ILE A 134 -4.84 -9.09 -12.40
N GLN A 135 -4.75 -7.92 -11.73
CA GLN A 135 -4.01 -6.80 -12.27
C GLN A 135 -2.53 -7.03 -12.34
N ALA A 136 -1.94 -7.88 -11.48
CA ALA A 136 -0.51 -8.18 -11.55
C ALA A 136 -0.15 -8.78 -12.92
N ILE A 137 -1.03 -9.62 -13.45
CA ILE A 137 -0.90 -10.25 -14.76
C ILE A 137 -1.25 -9.21 -15.84
N ALA A 138 -2.42 -8.57 -15.74
CA ALA A 138 -2.88 -7.53 -16.68
C ALA A 138 -1.86 -6.43 -16.95
N VAL A 139 -1.13 -5.92 -15.94
CA VAL A 139 -0.14 -4.86 -16.18
C VAL A 139 1.03 -5.37 -17.02
N CYS A 140 1.34 -6.68 -16.97
CA CYS A 140 2.41 -7.24 -17.79
C CYS A 140 1.94 -7.34 -19.24
N MET A 141 0.71 -7.79 -19.44
CA MET A 141 0.12 -7.95 -20.77
CA MET A 141 0.14 -7.93 -20.77
C MET A 141 0.03 -6.60 -21.50
N GLU A 142 -0.39 -5.55 -20.79
CA GLU A 142 -0.53 -4.21 -21.37
C GLU A 142 0.80 -3.60 -21.82
N ASN A 143 1.91 -4.05 -21.24
CA ASN A 143 3.24 -3.59 -21.66
C ASN A 143 3.87 -4.48 -22.76
N GLY A 144 3.18 -5.55 -23.17
CA GLY A 144 3.71 -6.51 -24.12
C GLY A 144 4.64 -7.54 -23.49
N ASN A 145 4.71 -7.57 -22.14
CA ASN A 145 5.54 -8.51 -21.41
C ASN A 145 4.78 -9.85 -21.19
N PHE A 146 4.50 -10.58 -22.28
CA PHE A 146 3.75 -11.83 -22.29
C PHE A 146 4.40 -12.97 -21.50
N LYS A 147 5.71 -13.17 -21.64
CA LYS A 147 6.42 -14.21 -20.90
C LYS A 147 6.50 -13.84 -19.41
N GLU A 148 6.65 -12.53 -19.10
CA GLU A 148 6.65 -12.11 -17.71
C GLU A 148 5.27 -12.39 -17.05
N ALA A 149 4.15 -12.15 -17.78
CA ALA A 149 2.81 -12.40 -17.26
C ALA A 149 2.63 -13.86 -16.89
N GLU A 150 3.19 -14.77 -17.69
CA GLU A 150 3.14 -16.19 -17.44
C GLU A 150 3.91 -16.54 -16.17
N GLU A 151 5.06 -15.88 -15.95
CA GLU A 151 5.90 -16.10 -14.77
C GLU A 151 5.24 -15.56 -13.52
N VAL A 152 4.58 -14.39 -13.62
CA VAL A 152 3.82 -13.80 -12.52
C VAL A 152 2.66 -14.77 -12.18
N PHE A 153 1.97 -15.28 -13.22
CA PHE A 153 0.90 -16.28 -13.08
C PHE A 153 1.38 -17.49 -12.27
N GLU A 154 2.55 -18.04 -12.61
CA GLU A 154 3.07 -19.22 -11.94
C GLU A 154 3.41 -18.96 -10.49
N ARG A 155 3.89 -17.74 -10.18
CA ARG A 155 4.21 -17.38 -8.81
C ARG A 155 2.96 -17.15 -7.95
N ILE A 156 1.92 -16.55 -8.53
CA ILE A 156 0.70 -16.26 -7.80
C ILE A 156 -0.23 -17.49 -7.67
N PHE A 157 -0.51 -18.16 -8.78
CA PHE A 157 -1.41 -19.31 -8.82
C PHE A 157 -0.64 -20.61 -8.75
N GLY A 158 -0.66 -21.26 -7.58
N MET A 164 -9.78 -22.48 -9.33
CA MET A 164 -9.72 -23.05 -10.68
C MET A 164 -10.38 -22.17 -11.76
N PRO A 165 -11.67 -21.74 -11.65
CA PRO A 165 -12.27 -20.97 -12.74
C PRO A 165 -11.52 -19.70 -13.14
N PHE A 166 -11.19 -18.79 -12.19
CA PHE A 166 -10.45 -17.58 -12.54
C PHE A 166 -9.05 -17.92 -13.05
N LYS A 167 -8.43 -18.94 -12.45
CA LYS A 167 -7.09 -19.42 -12.79
C LYS A 167 -7.00 -19.87 -14.27
N SER A 168 -7.96 -20.68 -14.73
CA SER A 168 -7.96 -21.15 -16.11
C SER A 168 -8.31 -20.06 -17.11
N LYS A 169 -9.18 -19.11 -16.75
CA LYS A 169 -9.51 -17.99 -17.63
C LYS A 169 -8.25 -17.13 -17.83
N LEU A 170 -7.48 -16.90 -16.76
CA LEU A 170 -6.26 -16.11 -16.82
C LEU A 170 -5.18 -16.75 -17.65
N LEU A 171 -4.99 -18.09 -17.57
CA LEU A 171 -3.98 -18.78 -18.37
C LEU A 171 -4.36 -18.73 -19.87
N MET A 172 -5.65 -18.85 -20.17
CA MET A 172 -6.14 -18.76 -21.53
C MET A 172 -5.85 -17.35 -22.09
N ILE A 173 -6.07 -16.30 -21.28
CA ILE A 173 -5.81 -14.94 -21.71
C ILE A 173 -4.32 -14.71 -21.97
N ILE A 174 -3.45 -15.26 -21.13
CA ILE A 174 -2.00 -15.11 -21.31
C ILE A 174 -1.50 -15.79 -22.61
N SER A 175 -1.98 -17.00 -22.89
CA SER A 175 -1.57 -17.74 -24.09
C SER A 175 -2.13 -17.13 -25.37
N GLN A 176 -3.33 -16.52 -25.30
CA GLN A 176 -3.93 -15.87 -26.47
C GLN A 176 -3.39 -14.46 -26.71
N LYS A 177 -2.56 -13.92 -25.79
CA LYS A 177 -2.02 -12.56 -25.84
C LYS A 177 -3.13 -11.50 -25.95
N ASP A 178 -4.31 -11.80 -25.36
CA ASP A 178 -5.46 -10.91 -25.36
C ASP A 178 -5.28 -9.81 -24.34
N THR A 179 -4.41 -8.82 -24.66
CA THR A 179 -4.08 -7.69 -23.79
C THR A 179 -5.33 -6.98 -23.26
N PHE A 180 -6.20 -6.49 -24.14
CA PHE A 180 -7.39 -5.76 -23.71
C PHE A 180 -8.62 -6.66 -23.61
N HIS A 181 -8.44 -7.86 -23.04
CA HIS A 181 -9.54 -8.80 -22.87
C HIS A 181 -10.62 -8.22 -21.96
N SER A 182 -11.88 -8.52 -22.25
CA SER A 182 -13.03 -8.04 -21.50
C SER A 182 -12.98 -8.37 -20.01
N PHE A 183 -12.30 -9.48 -19.64
CA PHE A 183 -12.14 -9.91 -18.25
C PHE A 183 -11.41 -8.85 -17.44
N PHE A 184 -10.41 -8.21 -18.04
CA PHE A 184 -9.65 -7.15 -17.40
C PHE A 184 -10.41 -5.83 -17.31
N GLN A 185 -11.57 -5.69 -18.01
CA GLN A 185 -12.45 -4.52 -17.95
C GLN A 185 -13.38 -4.68 -16.73
N HIS A 186 -13.87 -5.91 -16.45
CA HIS A 186 -14.72 -6.12 -15.28
CA HIS A 186 -14.73 -6.19 -15.30
C HIS A 186 -13.90 -6.08 -14.00
N PHE A 187 -12.65 -6.59 -14.04
CA PHE A 187 -11.79 -6.58 -12.88
C PHE A 187 -10.62 -5.66 -13.19
N SER A 188 -10.91 -4.39 -13.44
CA SER A 188 -9.95 -3.39 -13.89
C SER A 188 -9.06 -2.76 -12.81
N TYR A 189 -8.05 -1.97 -13.25
CA TYR A 189 -7.13 -1.27 -12.38
C TYR A 189 -7.90 -0.23 -11.56
N ASN A 190 -8.85 0.47 -12.21
CA ASN A 190 -9.67 1.48 -11.56
C ASN A 190 -10.50 0.86 -10.44
N HIS A 191 -11.05 -0.35 -10.69
CA HIS A 191 -11.85 -1.10 -9.72
CA HIS A 191 -11.84 -1.14 -9.74
C HIS A 191 -10.99 -1.47 -8.51
N MET A 192 -9.72 -1.88 -8.73
CA MET A 192 -8.78 -2.23 -7.68
C MET A 192 -8.52 -0.96 -6.85
N MET A 193 -8.21 0.18 -7.53
CA MET A 193 -7.97 1.47 -6.84
C MET A 193 -9.17 1.86 -6.00
N GLU A 194 -10.39 1.78 -6.56
CA GLU A 194 -11.59 2.14 -5.82
C GLU A 194 -11.79 1.28 -4.58
N LYS A 195 -11.64 -0.06 -4.70
CA LYS A 195 -11.80 -0.93 -3.54
C LYS A 195 -10.71 -0.63 -2.49
N ILE A 196 -9.46 -0.37 -2.94
CA ILE A 196 -8.38 0.00 -2.04
C ILE A 196 -8.66 1.33 -1.31
N LYS A 197 -9.25 2.31 -2.02
CA LYS A 197 -9.62 3.59 -1.42
C LYS A 197 -10.70 3.42 -0.35
N SER A 198 -11.60 2.42 -0.49
CA SER A 198 -12.62 2.18 0.56
C SER A 198 -11.92 1.73 1.86
N TYR A 199 -10.90 0.88 1.73
CA TYR A 199 -10.10 0.39 2.85
C TYR A 199 -9.32 1.56 3.46
N VAL A 200 -8.73 2.41 2.61
CA VAL A 200 -7.99 3.57 3.07
C VAL A 200 -8.86 4.50 3.90
N ASN A 201 -10.17 4.62 3.55
CA ASN A 201 -11.12 5.42 4.30
C ASN A 201 -11.33 4.89 5.69
N TYR A 202 -11.36 3.56 5.85
CA TYR A 202 -11.47 2.96 7.17
C TYR A 202 -10.17 3.23 8.00
N VAL A 203 -8.96 3.16 7.38
CA VAL A 203 -7.69 3.43 8.08
C VAL A 203 -7.65 4.91 8.52
N LEU A 204 -8.11 5.81 7.64
CA LEU A 204 -8.12 7.27 7.96
C LEU A 204 -9.05 7.54 9.15
N SER A 205 -10.12 6.75 9.29
N SER A 205 -10.12 6.76 9.28
CA SER A 205 -11.08 6.96 10.39
CA SER A 205 -11.08 6.95 10.39
C SER A 205 -10.48 6.48 11.72
C SER A 205 -10.46 6.50 11.71
N GLU A 206 -9.70 5.39 11.67
CA GLU A 206 -9.08 4.85 12.91
C GLU A 206 -7.93 5.70 13.42
N LYS A 207 -7.16 6.33 12.52
CA LYS A 207 -5.94 7.08 12.94
C LYS A 207 -6.20 8.59 12.97
N SER A 208 -7.43 9.02 12.69
CA SER A 208 -7.75 10.47 12.76
C SER A 208 -7.60 10.95 14.20
N SER A 209 -7.66 10.03 15.16
CA SER A 209 -7.53 10.39 16.60
CA SER A 209 -7.53 10.39 16.60
C SER A 209 -6.10 10.29 17.17
N THR A 210 -5.14 10.02 16.28
CA THR A 210 -3.73 9.89 16.73
C THR A 210 -3.28 11.23 17.36
N PHE A 211 -2.29 11.19 18.25
CA PHE A 211 -1.87 12.40 19.01
C PHE A 211 -1.52 13.61 18.16
N LEU A 212 -0.60 13.48 17.20
CA LEU A 212 -0.12 14.66 16.43
C LEU A 212 -1.26 15.33 15.65
N MET A 213 -2.07 14.54 14.93
CA MET A 213 -3.15 15.13 14.10
C MET A 213 -4.18 15.80 15.02
N LYS A 214 -4.53 15.15 16.12
CA LYS A 214 -5.54 15.70 17.07
C LYS A 214 -5.03 17.05 17.63
N ALA A 215 -3.77 17.10 18.05
CA ALA A 215 -3.19 18.34 18.59
C ALA A 215 -3.18 19.45 17.53
N ALA A 216 -2.72 19.14 16.32
CA ALA A 216 -2.67 20.14 15.22
C ALA A 216 -4.09 20.60 14.89
N ALA A 217 -5.04 19.66 14.89
CA ALA A 217 -6.45 19.96 14.58
C ALA A 217 -7.01 20.98 15.58
N LYS A 218 -6.72 20.80 16.86
CA LYS A 218 -7.27 21.70 17.90
C LYS A 218 -6.63 23.09 17.77
N VAL A 219 -5.38 23.13 17.29
CA VAL A 219 -4.72 24.43 17.13
C VAL A 219 -5.38 25.22 15.99
N VAL A 220 -5.64 24.53 14.88
CA VAL A 220 -6.25 25.14 13.69
C VAL A 220 -7.64 25.65 14.04
N GLU A 221 -8.42 24.82 14.74
CA GLU A 221 -9.77 25.18 15.18
C GLU A 221 -9.76 26.33 16.16
N SER A 222 -8.78 26.40 17.05
CA SER A 222 -8.67 27.49 18.02
C SER A 222 -8.38 28.85 17.37
N LYS A 223 -7.84 28.86 16.15
CA LYS A 223 -7.55 30.10 15.42
C LYS A 223 -8.72 30.53 14.49
N ARG A 224 -9.74 29.68 14.32
CA ARG A 224 -10.88 29.94 13.44
C ARG A 224 -12.01 30.75 14.14
N1 ZU7 B . 11.36 -2.25 2.33
N3 ZU7 B . 9.95 0.66 2.67
C4 ZU7 B . 12.24 -4.10 0.92
C5 ZU7 B . 10.30 -4.50 2.37
C6 ZU7 B . 10.11 -3.01 2.13
C7 ZU7 B . 9.04 1.74 2.73
C8 ZU7 B . 8.51 2.30 1.56
C10 ZU7 B . 7.16 3.74 2.86
O1 ZU7 B . 9.26 -0.27 0.73
C1 ZU7 B . 10.07 -0.19 1.63
C2 ZU7 B . 11.37 -0.99 1.59
C3 ZU7 B . 12.54 -3.04 1.98
N2 ZU7 B . 11.27 -5.09 1.42
C9 ZU7 B . 7.58 3.32 1.63
F1 ZU7 B . 6.25 4.74 2.94
C11 ZU7 B . 7.62 3.19 4.02
C12 ZU7 B . 8.56 2.18 3.96
C1 EDO C . 9.49 -6.28 -12.26
O1 EDO C . 9.78 -7.23 -13.24
C2 EDO C . 10.56 -6.28 -11.23
O2 EDO C . 11.49 -5.26 -11.55
CA CA D . 11.01 -5.16 -14.53
#